data_4X6N
#
_entry.id   4X6N
#
_cell.length_a   79.100
_cell.length_b   79.100
_cell.length_c   105.900
_cell.angle_alpha   90.000
_cell.angle_beta   90.000
_cell.angle_gamma   120.000
#
_symmetry.space_group_name_H-M   'P 32 2 1'
#
loop_
_entity.id
_entity.type
_entity.pdbx_description
1 polymer 'Coagulation factor XI, light chain'
2 polymer 'cleaved peptide'
3 non-polymer 1-{(1S)-1-[4-(3-amino-1H-indazol-6-yl)-5-chloro-1H-imidazol-2-yl]-2-phenylethyl}-3-[5-chloro-2-(1H-tetrazol-1-yl)benzyl]urea
4 non-polymer 'SULFATE ION'
5 non-polymer 1,2-ETHANEDIOL
6 water water
#
loop_
_entity_poly.entity_id
_entity_poly.type
_entity_poly.pdbx_seq_one_letter_code
_entity_poly.pdbx_strand_id
1 'polypeptide(L)'
;IVGGTASVRGEWPWQVTLHTTSPTQRHLCGGSIIGNQWILTAAHCFYGVESPKILRVYSGILNQSEIKEDTSFFGVQEII
IHDQYKMAESGYDIALLKLETTVGYGDSQRPICLPSKGDRNVIYTDCWVTGWGYRKLRDKIQNTLQKAKIPLVTNEECQK
RYRGHKITHKMICAGYREGGKDACKGDSGGPLSCKHNEVWHLVGITSWGEGCAQRERPGVYTNVVEYVDWILEKTQAVHH
HHHH
;
A
2 'polypeptide(L)' MDDDDKMDNECTTKIKPR H
#
loop_
_chem_comp.id
_chem_comp.type
_chem_comp.name
_chem_comp.formula
3Y5 non-polymer 1-{(1S)-1-[4-(3-amino-1H-indazol-6-yl)-5-chloro-1H-imidazol-2-yl]-2-phenylethyl}-3-[5-chloro-2-(1H-tetrazol-1-yl)benzyl]urea 'C27 H23 Cl2 N11 O'
EDO non-polymer 1,2-ETHANEDIOL 'C2 H6 O2'
SO4 non-polymer 'SULFATE ION' 'O4 S -2'
#
# COMPACT_ATOMS: atom_id res chain seq x y z
N ILE A 1 9.73 -6.38 3.67
CA ILE A 1 10.67 -5.31 3.36
C ILE A 1 12.10 -5.84 3.44
N VAL A 2 12.87 -5.67 2.35
CA VAL A 2 14.28 -6.07 2.30
C VAL A 2 15.13 -4.83 2.68
N GLY A 3 16.16 -5.04 3.51
CA GLY A 3 17.10 -4.01 3.92
C GLY A 3 16.48 -2.88 4.70
N GLY A 4 15.39 -3.17 5.41
CA GLY A 4 14.74 -2.12 6.18
C GLY A 4 15.12 -2.17 7.64
N THR A 5 14.44 -1.35 8.47
CA THR A 5 14.63 -1.34 9.92
C THR A 5 13.27 -1.27 10.58
N ALA A 6 13.20 -1.67 11.86
CA ALA A 6 11.99 -1.63 12.65
C ALA A 6 11.44 -0.21 12.65
N SER A 7 10.12 -0.07 12.47
CA SER A 7 9.50 1.24 12.57
C SER A 7 9.26 1.54 14.07
N VAL A 8 9.03 2.79 14.38
CA VAL A 8 8.70 3.20 15.75
C VAL A 8 7.13 3.26 15.80
N ARG A 9 6.52 2.88 16.93
CA ARG A 9 5.06 2.93 17.06
C ARG A 9 4.58 4.37 16.76
N GLY A 10 3.52 4.49 15.95
CA GLY A 10 2.91 5.75 15.53
C GLY A 10 3.58 6.44 14.36
N GLU A 11 4.65 5.85 13.83
CA GLU A 11 5.40 6.42 12.71
C GLU A 11 4.61 6.42 11.38
N TRP A 12 3.83 5.35 11.12
CA TRP A 12 3.06 5.22 9.86
C TRP A 12 1.59 4.95 10.24
N PRO A 13 0.89 5.95 10.86
CA PRO A 13 -0.45 5.67 11.42
C PRO A 13 -1.55 5.35 10.40
N TRP A 14 -1.28 5.53 9.11
CA TRP A 14 -2.21 5.15 8.03
C TRP A 14 -1.99 3.70 7.62
N GLN A 15 -0.86 3.09 8.04
CA GLN A 15 -0.57 1.68 7.68
C GLN A 15 -1.51 0.71 8.41
N VAL A 16 -2.19 -0.21 7.66
CA VAL A 16 -3.00 -1.26 8.25
C VAL A 16 -2.46 -2.61 7.84
N THR A 17 -2.85 -3.64 8.60
CA THR A 17 -2.60 -5.03 8.24
C THR A 17 -3.96 -5.64 7.93
N LEU A 18 -4.14 -6.13 6.70
CA LEU A 18 -5.36 -6.79 6.28
C LEU A 18 -5.17 -8.30 6.49
N HIS A 19 -6.05 -8.91 7.30
CA HIS A 19 -5.99 -10.33 7.58
C HIS A 19 -7.13 -11.05 6.91
N THR A 20 -6.92 -12.31 6.62
CA THR A 20 -7.96 -13.20 6.11
C THR A 20 -8.19 -14.18 7.27
N THR A 21 -9.42 -14.72 7.46
CA THR A 21 -9.70 -15.77 8.48
C THR A 21 -9.85 -17.16 7.81
N SER A 22 -9.79 -17.25 6.47
CA SER A 22 -9.95 -18.50 5.69
C SER A 22 -8.67 -19.02 5.00
N PRO A 23 -8.26 -20.30 5.23
CA PRO A 23 -8.86 -21.30 6.14
C PRO A 23 -8.61 -20.97 7.62
N THR A 24 -7.46 -20.30 7.92
CA THR A 24 -7.06 -19.84 9.26
C THR A 24 -6.66 -18.35 9.19
N GLN A 25 -6.63 -17.67 10.34
CA GLN A 25 -6.28 -16.25 10.34
C GLN A 25 -4.78 -16.00 10.16
N ARG A 26 -4.45 -15.10 9.22
CA ARG A 26 -3.08 -14.70 8.93
C ARG A 26 -3.11 -13.35 8.22
N HIS A 27 -1.96 -12.63 8.23
CA HIS A 27 -1.81 -11.37 7.50
C HIS A 27 -1.92 -11.75 5.99
N LEU A 28 -2.65 -10.94 5.21
CA LEU A 28 -2.83 -11.13 3.78
C LEU A 28 -2.11 -10.04 2.98
N CYS A 29 -2.35 -8.77 3.35
CA CYS A 29 -1.80 -7.64 2.63
C CYS A 29 -1.68 -6.43 3.54
N GLY A 30 -0.99 -5.42 3.05
CA GLY A 30 -0.96 -4.10 3.67
C GLY A 30 -2.08 -3.24 3.08
N GLY A 31 -2.26 -2.06 3.66
CA GLY A 31 -3.25 -1.10 3.19
C GLY A 31 -3.00 0.23 3.85
N SER A 32 -3.72 1.26 3.34
CA SER A 32 -3.62 2.62 3.89
C SER A 32 -4.97 3.21 4.22
N ILE A 33 -5.11 3.83 5.39
CA ILE A 33 -6.34 4.57 5.75
C ILE A 33 -6.35 5.85 4.89
N ILE A 34 -7.42 6.07 4.10
CA ILE A 34 -7.51 7.32 3.30
C ILE A 34 -8.76 8.17 3.67
N GLY A 35 -9.64 7.59 4.47
CA GLY A 35 -10.90 8.21 4.91
C GLY A 35 -11.42 7.42 6.11
N ASN A 36 -12.47 7.93 6.79
CA ASN A 36 -12.87 7.26 8.04
C ASN A 36 -13.58 5.92 7.84
N GLN A 37 -13.85 5.52 6.61
CA GLN A 37 -14.40 4.18 6.41
C GLN A 37 -13.71 3.54 5.20
N TRP A 38 -12.55 4.09 4.83
CA TRP A 38 -11.88 3.68 3.59
C TRP A 38 -10.42 3.30 3.74
N ILE A 39 -10.10 2.12 3.18
CA ILE A 39 -8.74 1.58 3.08
C ILE A 39 -8.42 1.48 1.59
N LEU A 40 -7.27 2.02 1.18
CA LEU A 40 -6.80 1.89 -0.20
C LEU A 40 -5.72 0.81 -0.18
N THR A 41 -5.86 -0.17 -1.07
CA THR A 41 -4.96 -1.33 -1.12
C THR A 41 -4.83 -1.81 -2.59
N ALA A 42 -4.19 -2.97 -2.79
CA ALA A 42 -3.97 -3.53 -4.13
C ALA A 42 -5.09 -4.51 -4.52
N ALA A 43 -5.60 -4.40 -5.76
CA ALA A 43 -6.62 -5.32 -6.27
C ALA A 43 -6.15 -6.80 -6.24
N HIS A 44 -4.85 -7.09 -6.50
CA HIS A 44 -4.36 -8.50 -6.56
C HIS A 44 -4.46 -9.23 -5.22
N CYS A 45 -4.59 -8.47 -4.11
CA CYS A 45 -4.75 -9.07 -2.77
C CYS A 45 -5.99 -9.95 -2.65
N PHE A 46 -7.05 -9.69 -3.48
CA PHE A 46 -8.33 -10.37 -3.38
C PHE A 46 -8.50 -11.56 -4.31
N TYR A 47 -7.41 -12.02 -4.93
CA TYR A 47 -7.45 -13.19 -5.80
C TYR A 47 -8.05 -14.36 -4.97
N GLY A 48 -9.13 -14.95 -5.45
CA GLY A 48 -9.79 -16.05 -4.72
C GLY A 48 -10.58 -15.67 -3.47
N VAL A 49 -10.60 -14.37 -3.07
CA VAL A 49 -11.40 -13.90 -1.92
C VAL A 49 -12.82 -13.78 -2.47
N GLU A 50 -13.69 -14.67 -2.04
CA GLU A 50 -15.07 -14.71 -2.56
C GLU A 50 -16.04 -13.82 -1.80
N SER A 51 -15.66 -13.38 -0.60
CA SER A 51 -16.54 -12.58 0.23
C SER A 51 -15.76 -11.63 1.15
N PRO A 52 -16.27 -10.40 1.42
CA PRO A 52 -15.58 -9.52 2.39
C PRO A 52 -15.73 -10.02 3.85
N LYS A 53 -16.57 -11.03 4.07
CA LYS A 53 -16.88 -11.61 5.38
C LYS A 53 -15.70 -12.28 6.04
N ILE A 54 -14.71 -12.72 5.25
CA ILE A 54 -13.51 -13.40 5.74
C ILE A 54 -12.38 -12.41 6.09
N LEU A 55 -12.59 -11.10 5.84
CA LEU A 55 -11.55 -10.07 6.04
C LEU A 55 -11.63 -9.34 7.37
N ARG A 56 -10.45 -8.99 7.94
CA ARG A 56 -10.34 -8.18 9.14
C ARG A 56 -9.25 -7.14 8.95
N VAL A 57 -9.57 -5.87 9.18
CA VAL A 57 -8.61 -4.78 9.08
C VAL A 57 -8.19 -4.37 10.47
N TYR A 58 -6.88 -4.39 10.73
CA TYR A 58 -6.32 -3.95 12.01
C TYR A 58 -5.49 -2.70 11.77
N SER A 59 -5.83 -1.62 12.46
CA SER A 59 -5.13 -0.35 12.41
C SER A 59 -4.42 -0.19 13.76
N GLY A 60 -3.48 0.75 13.86
CA GLY A 60 -2.78 1.01 15.12
C GLY A 60 -1.91 -0.15 15.58
N ILE A 61 -1.41 -0.95 14.64
CA ILE A 61 -0.58 -2.10 14.94
C ILE A 61 0.85 -1.80 14.57
N LEU A 62 1.81 -2.06 15.52
CA LEU A 62 3.23 -2.04 15.22
C LEU A 62 3.65 -3.50 15.04
N ASN A 63 3.30 -4.35 16.03
CA ASN A 63 3.68 -5.76 16.05
C ASN A 63 2.52 -6.68 15.77
N GLN A 64 2.70 -7.67 14.86
CA GLN A 64 1.66 -8.65 14.59
C GLN A 64 1.24 -9.42 15.87
N SER A 65 2.17 -9.57 16.86
CA SER A 65 1.86 -10.24 18.15
C SER A 65 0.77 -9.51 18.98
N GLU A 66 0.46 -8.22 18.62
CA GLU A 66 -0.61 -7.45 19.27
C GLU A 66 -1.98 -8.04 18.86
N ILE A 67 -2.01 -8.85 17.80
CA ILE A 67 -3.26 -9.41 17.30
C ILE A 67 -3.53 -10.80 17.87
N LYS A 68 -4.62 -10.89 18.64
CA LYS A 68 -5.12 -12.12 19.24
C LYS A 68 -6.61 -12.14 18.96
N GLU A 69 -7.34 -13.18 19.40
CA GLU A 69 -8.80 -13.28 19.18
C GLU A 69 -9.60 -12.14 19.85
N ASP A 70 -9.05 -11.54 20.93
CA ASP A 70 -9.72 -10.46 21.66
C ASP A 70 -9.34 -9.05 21.15
N THR A 71 -8.47 -8.95 20.11
CA THR A 71 -8.02 -7.67 19.54
C THR A 71 -9.09 -7.07 18.64
N SER A 72 -9.41 -5.78 18.81
CA SER A 72 -10.44 -5.19 17.97
C SER A 72 -9.91 -4.98 16.53
N PHE A 73 -10.84 -5.02 15.57
CA PHE A 73 -10.60 -4.87 14.15
C PHE A 73 -11.82 -4.21 13.51
N PHE A 74 -11.69 -3.87 12.22
CA PHE A 74 -12.77 -3.32 11.40
C PHE A 74 -13.19 -4.41 10.44
N GLY A 75 -14.50 -4.63 10.37
CA GLY A 75 -15.06 -5.56 9.40
C GLY A 75 -15.11 -4.84 8.06
N VAL A 76 -15.17 -5.60 6.96
CA VAL A 76 -15.24 -5.03 5.62
C VAL A 76 -16.68 -5.23 5.08
N GLN A 77 -17.34 -4.13 4.76
CA GLN A 77 -18.68 -4.10 4.19
C GLN A 77 -18.60 -4.41 2.69
N GLU A 78 -17.61 -3.81 2.01
CA GLU A 78 -17.50 -3.96 0.58
C GLU A 78 -16.06 -3.91 0.07
N ILE A 79 -15.77 -4.73 -0.95
CA ILE A 79 -14.50 -4.76 -1.67
C ILE A 79 -14.80 -4.12 -3.04
N ILE A 80 -14.13 -3.02 -3.38
CA ILE A 80 -14.31 -2.35 -4.66
C ILE A 80 -13.00 -2.46 -5.43
N ILE A 81 -13.00 -3.28 -6.47
CA ILE A 81 -11.83 -3.48 -7.33
C ILE A 81 -12.00 -2.65 -8.59
N HIS A 82 -10.92 -1.98 -9.04
CA HIS A 82 -10.99 -1.20 -10.29
C HIS A 82 -11.51 -2.16 -11.38
N ASP A 83 -12.55 -1.76 -12.15
CA ASP A 83 -13.11 -2.70 -13.11
C ASP A 83 -12.25 -2.93 -14.36
N GLN A 84 -11.13 -2.20 -14.52
CA GLN A 84 -10.22 -2.48 -15.63
C GLN A 84 -9.09 -3.44 -15.17
N TYR A 85 -9.01 -3.77 -13.85
CA TYR A 85 -7.97 -4.67 -13.30
C TYR A 85 -8.07 -6.07 -13.87
N LYS A 86 -6.95 -6.60 -14.39
CA LYS A 86 -6.82 -7.99 -14.85
C LYS A 86 -5.73 -8.65 -14.00
N MET A 87 -4.56 -7.98 -13.89
CA MET A 87 -3.42 -8.50 -13.12
C MET A 87 -2.50 -7.35 -12.73
N ALA A 88 -1.68 -7.54 -11.66
CA ALA A 88 -0.74 -6.50 -11.16
C ALA A 88 0.18 -5.96 -12.26
N GLU A 89 0.74 -6.85 -13.07
CA GLU A 89 1.68 -6.49 -14.15
C GLU A 89 1.06 -5.66 -15.29
N SER A 90 -0.28 -5.66 -15.43
CA SER A 90 -0.95 -4.86 -16.46
C SER A 90 -1.53 -3.55 -15.90
N GLY A 91 -1.37 -3.31 -14.59
CA GLY A 91 -1.85 -2.07 -13.99
C GLY A 91 -3.24 -2.14 -13.39
N TYR A 92 -3.80 -0.96 -13.09
CA TYR A 92 -5.11 -0.80 -12.44
C TYR A 92 -5.14 -1.65 -11.13
N ASP A 93 -3.97 -1.85 -10.51
CA ASP A 93 -3.85 -2.66 -9.28
C ASP A 93 -4.21 -1.80 -8.08
N ILE A 94 -5.51 -1.57 -7.94
CA ILE A 94 -6.03 -0.70 -6.90
C ILE A 94 -7.40 -1.18 -6.49
N ALA A 95 -7.67 -1.07 -5.18
CA ALA A 95 -8.94 -1.50 -4.64
C ALA A 95 -9.22 -0.70 -3.39
N LEU A 96 -10.50 -0.56 -3.06
CA LEU A 96 -10.97 0.09 -1.86
C LEU A 96 -11.72 -0.87 -1.01
N LEU A 97 -11.52 -0.75 0.31
CA LEU A 97 -12.30 -1.52 1.27
C LEU A 97 -13.17 -0.54 1.99
N LYS A 98 -14.49 -0.74 1.91
CA LYS A 98 -15.42 0.10 2.67
C LYS A 98 -15.65 -0.63 3.98
N LEU A 99 -15.31 0.04 5.08
CA LEU A 99 -15.38 -0.58 6.39
C LEU A 99 -16.80 -0.57 6.97
N GLU A 100 -17.15 -1.59 7.76
CA GLU A 100 -18.48 -1.71 8.38
C GLU A 100 -18.74 -0.63 9.42
N THR A 101 -17.66 -0.13 10.05
CA THR A 101 -17.74 0.95 11.04
C THR A 101 -16.69 2.00 10.71
N THR A 102 -16.78 3.13 11.40
CA THR A 102 -15.96 4.32 11.26
C THR A 102 -14.67 4.24 12.10
N VAL A 103 -13.53 4.60 11.50
CA VAL A 103 -12.24 4.67 12.18
C VAL A 103 -12.27 6.00 12.95
N GLY A 104 -11.99 5.93 14.25
CA GLY A 104 -11.85 7.12 15.09
C GLY A 104 -10.38 7.52 15.03
N TYR A 105 -10.10 8.71 14.50
CA TYR A 105 -8.73 9.21 14.33
C TYR A 105 -8.05 9.55 15.67
N GLY A 106 -6.75 9.25 15.75
CA GLY A 106 -5.92 9.53 16.91
C GLY A 106 -4.46 9.37 16.55
N ASP A 107 -3.57 9.47 17.55
CA ASP A 107 -2.12 9.38 17.32
C ASP A 107 -1.65 7.99 16.84
N SER A 108 -2.51 6.95 16.96
CA SER A 108 -2.20 5.59 16.47
C SER A 108 -2.80 5.24 15.10
N GLN A 109 -3.84 5.96 14.65
CA GLN A 109 -4.53 5.64 13.40
C GLN A 109 -5.12 6.89 12.81
N ARG A 110 -4.64 7.28 11.64
CA ARG A 110 -5.13 8.49 10.97
C ARG A 110 -4.88 8.40 9.46
N PRO A 111 -5.55 9.23 8.62
CA PRO A 111 -5.40 9.06 7.18
C PRO A 111 -4.14 9.67 6.61
N ILE A 112 -3.72 9.17 5.45
CA ILE A 112 -2.62 9.79 4.71
C ILE A 112 -3.30 10.59 3.58
N CYS A 113 -2.76 11.78 3.22
CA CYS A 113 -3.30 12.60 2.14
C CYS A 113 -3.07 11.90 0.81
N LEU A 114 -4.02 12.04 -0.08
CA LEU A 114 -3.87 11.54 -1.43
C LEU A 114 -3.03 12.58 -2.18
N PRO A 115 -2.32 12.23 -3.27
CA PRO A 115 -1.56 13.28 -3.99
C PRO A 115 -2.47 14.30 -4.65
N SER A 116 -1.94 15.51 -4.85
CA SER A 116 -2.69 16.58 -5.52
C SER A 116 -2.48 16.52 -7.03
N LYS A 117 -3.51 16.95 -7.81
CA LYS A 117 -3.50 16.98 -9.28
C LYS A 117 -2.39 17.91 -9.80
N GLY A 118 -2.13 18.99 -9.04
CA GLY A 118 -1.08 19.95 -9.34
C GLY A 118 0.30 19.42 -9.00
N ASP A 119 0.35 18.38 -8.15
CA ASP A 119 1.57 17.73 -7.66
C ASP A 119 2.05 16.55 -8.55
N ARG A 120 1.51 16.41 -9.79
CA ARG A 120 1.96 15.39 -10.73
C ARG A 120 3.36 15.76 -11.28
N ASN A 121 3.75 17.04 -11.12
CA ASN A 121 5.02 17.64 -11.54
C ASN A 121 6.03 17.83 -10.39
N VAL A 122 5.64 17.54 -9.12
CA VAL A 122 6.56 17.69 -7.99
C VAL A 122 7.53 16.49 -7.92
N ILE A 123 8.78 16.77 -7.53
CA ILE A 123 9.86 15.78 -7.42
C ILE A 123 9.93 15.35 -5.95
N TYR A 124 9.59 14.08 -5.69
CA TYR A 124 9.61 13.53 -4.34
C TYR A 124 10.97 12.92 -4.09
N THR A 125 11.66 13.42 -3.05
CA THR A 125 13.02 13.01 -2.67
C THR A 125 13.06 12.25 -1.35
N ASP A 126 11.94 12.21 -0.62
CA ASP A 126 11.85 11.54 0.68
C ASP A 126 10.69 10.50 0.71
N CYS A 127 10.91 9.30 0.12
CA CYS A 127 9.92 8.22 -0.01
C CYS A 127 10.27 6.97 0.75
N TRP A 128 9.27 6.41 1.45
CA TRP A 128 9.45 5.23 2.28
C TRP A 128 8.40 4.14 2.00
N VAL A 129 8.85 2.89 1.92
CA VAL A 129 8.00 1.72 1.75
C VAL A 129 7.95 0.94 3.07
N THR A 130 6.74 0.60 3.53
CA THR A 130 6.53 -0.05 4.81
C THR A 130 5.72 -1.32 4.71
N GLY A 131 5.92 -2.24 5.66
CA GLY A 131 5.16 -3.47 5.72
C GLY A 131 5.73 -4.53 6.62
N TRP A 132 4.95 -5.61 6.78
CA TRP A 132 5.34 -6.77 7.59
C TRP A 132 5.81 -7.92 6.67
N GLY A 133 6.10 -7.61 5.41
CA GLY A 133 6.53 -8.60 4.44
C GLY A 133 7.90 -9.20 4.69
N TYR A 134 8.29 -10.14 3.84
CA TYR A 134 9.54 -10.90 3.89
C TYR A 134 10.75 -9.97 3.76
N ARG A 135 11.86 -10.35 4.39
CA ARG A 135 13.14 -9.65 4.34
C ARG A 135 13.99 -10.20 3.20
N LYS A 136 13.49 -11.25 2.54
CA LYS A 136 14.11 -11.96 1.40
C LYS A 136 13.04 -12.86 0.77
N LEU A 137 13.27 -13.30 -0.48
CA LEU A 137 12.32 -14.15 -1.24
C LEU A 137 11.82 -15.41 -0.50
N ARG A 138 12.66 -16.05 0.32
CA ARG A 138 12.27 -17.22 1.10
C ARG A 138 12.37 -16.85 2.57
N ASP A 139 11.25 -16.43 3.16
CA ASP A 139 11.22 -15.95 4.54
C ASP A 139 9.80 -16.14 5.09
N LYS A 140 9.40 -15.30 6.04
CA LYS A 140 8.10 -15.34 6.70
C LYS A 140 7.67 -13.91 7.02
N ILE A 141 6.36 -13.72 7.31
CA ILE A 141 5.80 -12.42 7.70
C ILE A 141 6.55 -11.98 8.97
N GLN A 142 7.00 -10.74 9.00
CA GLN A 142 7.73 -10.19 10.13
C GLN A 142 6.76 -9.72 11.23
N ASN A 143 7.20 -9.83 12.49
CA ASN A 143 6.40 -9.38 13.62
C ASN A 143 6.29 -7.86 13.62
N THR A 144 7.45 -7.18 13.53
CA THR A 144 7.52 -5.71 13.60
C THR A 144 7.40 -5.07 12.23
N LEU A 145 6.55 -4.03 12.14
CA LEU A 145 6.44 -3.24 10.90
C LEU A 145 7.82 -2.70 10.49
N GLN A 146 8.25 -2.96 9.25
CA GLN A 146 9.55 -2.48 8.77
C GLN A 146 9.38 -1.30 7.86
N LYS A 147 10.46 -0.51 7.69
CA LYS A 147 10.51 0.66 6.82
C LYS A 147 11.84 0.69 6.08
N ALA A 148 11.81 1.22 4.86
CA ALA A 148 13.01 1.40 4.04
C ALA A 148 12.80 2.64 3.21
N LYS A 149 13.82 3.53 3.15
CA LYS A 149 13.77 4.75 2.33
C LYS A 149 14.24 4.35 0.92
N ILE A 150 13.45 4.68 -0.11
CA ILE A 150 13.72 4.26 -1.49
C ILE A 150 13.62 5.43 -2.45
N PRO A 151 14.55 5.60 -3.44
CA PRO A 151 14.37 6.72 -4.38
C PRO A 151 13.38 6.37 -5.48
N LEU A 152 12.60 7.36 -5.94
CA LEU A 152 11.73 7.16 -7.08
C LEU A 152 12.61 7.10 -8.34
N VAL A 153 12.14 6.36 -9.32
CA VAL A 153 12.83 6.14 -10.59
C VAL A 153 11.91 6.69 -11.71
N THR A 154 12.47 7.32 -12.78
CA THR A 154 11.61 7.82 -13.88
C THR A 154 10.94 6.60 -14.56
N ASN A 155 9.83 6.84 -15.26
CA ASN A 155 9.13 5.81 -16.03
C ASN A 155 10.05 5.23 -17.13
N GLU A 156 10.86 6.10 -17.76
CA GLU A 156 11.83 5.74 -18.82
C GLU A 156 12.88 4.77 -18.28
N GLU A 157 13.48 5.10 -17.12
CA GLU A 157 14.45 4.22 -16.45
C GLU A 157 13.76 2.90 -16.03
N CYS A 158 12.55 2.98 -15.45
CA CYS A 158 11.84 1.75 -15.06
C CYS A 158 11.53 0.85 -16.23
N GLN A 159 11.14 1.43 -17.40
CA GLN A 159 10.85 0.64 -18.60
C GLN A 159 12.11 -0.12 -19.09
N LYS A 160 13.29 0.55 -19.04
CA LYS A 160 14.57 -0.08 -19.41
C LYS A 160 14.83 -1.32 -18.54
N ARG A 161 14.43 -1.26 -17.26
CA ARG A 161 14.64 -2.34 -16.29
C ARG A 161 13.67 -3.48 -16.42
N TYR A 162 12.53 -3.26 -17.12
CA TYR A 162 11.51 -4.28 -17.29
C TYR A 162 11.20 -4.55 -18.76
N ARG A 163 12.21 -5.05 -19.48
CA ARG A 163 12.07 -5.41 -20.89
C ARG A 163 11.03 -6.54 -20.99
N GLY A 164 10.07 -6.41 -21.89
CA GLY A 164 9.03 -7.42 -22.03
C GLY A 164 7.74 -7.05 -21.31
N HIS A 165 7.79 -6.02 -20.44
CA HIS A 165 6.59 -5.50 -19.75
C HIS A 165 6.31 -4.13 -20.32
N LYS A 166 5.11 -3.61 -20.10
CA LYS A 166 4.77 -2.25 -20.49
C LYS A 166 4.57 -1.44 -19.19
N ILE A 167 5.56 -0.60 -18.85
CA ILE A 167 5.48 0.26 -17.67
C ILE A 167 4.76 1.54 -18.12
N THR A 168 3.51 1.70 -17.68
CA THR A 168 2.65 2.81 -18.06
C THR A 168 2.81 3.94 -17.08
N HIS A 169 2.26 5.12 -17.39
CA HIS A 169 2.33 6.27 -16.50
C HIS A 169 1.36 6.10 -15.30
N LYS A 170 0.53 5.01 -15.32
CA LYS A 170 -0.34 4.65 -14.20
C LYS A 170 0.46 3.81 -13.18
N MET A 171 1.74 3.57 -13.48
CA MET A 171 2.68 2.86 -12.59
C MET A 171 3.78 3.84 -12.19
N ILE A 172 4.37 3.63 -11.04
CA ILE A 172 5.49 4.42 -10.56
C ILE A 172 6.49 3.46 -9.92
N CYS A 173 7.78 3.63 -10.25
CA CYS A 173 8.81 2.73 -9.77
C CYS A 173 9.73 3.36 -8.77
N ALA A 174 10.30 2.53 -7.90
CA ALA A 174 11.20 2.95 -6.84
C ALA A 174 12.23 1.85 -6.53
N GLY A 175 13.49 2.24 -6.41
CA GLY A 175 14.57 1.32 -6.09
C GLY A 175 15.93 1.90 -6.39
N TYR A 176 16.96 1.33 -5.75
CA TYR A 176 18.38 1.68 -5.95
C TYR A 176 18.88 0.85 -7.12
N ARG A 177 19.74 1.44 -7.96
CA ARG A 177 20.32 0.74 -9.11
C ARG A 177 21.02 -0.55 -8.68
N GLU A 178 21.68 -0.54 -7.52
CA GLU A 178 22.41 -1.72 -7.02
C GLU A 178 21.54 -2.65 -6.16
N GLY A 179 20.24 -2.33 -6.01
CA GLY A 179 19.31 -3.12 -5.20
C GLY A 179 19.57 -2.92 -3.73
N GLY A 180 19.15 -3.87 -2.91
CA GLY A 180 19.37 -3.83 -1.47
C GLY A 180 18.18 -3.43 -0.61
N LYS A 181 17.34 -2.51 -1.09
CA LYS A 181 16.18 -2.05 -0.31
C LYS A 181 14.95 -2.09 -1.20
N ASP A 182 13.86 -2.72 -0.73
CA ASP A 182 12.63 -2.85 -1.55
C ASP A 182 11.52 -3.46 -0.74
N ALA A 183 10.33 -3.49 -1.34
CA ALA A 183 9.20 -4.26 -0.84
C ALA A 183 9.46 -5.72 -1.20
N CYS A 184 8.78 -6.66 -0.50
CA CYS A 184 8.86 -8.07 -0.83
C CYS A 184 7.50 -8.74 -0.55
N LYS A 185 7.42 -10.08 -0.51
CA LYS A 185 6.16 -10.83 -0.26
C LYS A 185 5.51 -10.41 1.06
N GLY A 186 4.21 -10.08 1.02
CA GLY A 186 3.48 -9.66 2.22
C GLY A 186 3.38 -8.15 2.37
N ASP A 187 4.14 -7.41 1.57
CA ASP A 187 4.09 -5.93 1.64
C ASP A 187 3.07 -5.32 0.72
N SER A 188 2.65 -6.09 -0.30
CA SER A 188 1.76 -5.57 -1.35
C SER A 188 0.46 -5.01 -0.78
N GLY A 189 -0.03 -3.95 -1.43
CA GLY A 189 -1.22 -3.25 -0.97
C GLY A 189 -0.91 -2.13 0.00
N GLY A 190 0.28 -2.19 0.60
CA GLY A 190 0.70 -1.17 1.55
C GLY A 190 1.14 0.11 0.87
N PRO A 191 1.45 1.16 1.67
CA PRO A 191 1.83 2.45 1.06
C PRO A 191 3.30 2.63 0.61
N LEU A 192 3.51 3.53 -0.35
CA LEU A 192 4.79 4.13 -0.71
C LEU A 192 4.47 5.58 -0.33
N SER A 193 4.98 6.02 0.84
CA SER A 193 4.69 7.33 1.44
C SER A 193 5.83 8.30 1.23
N CYS A 194 5.53 9.47 0.63
CA CYS A 194 6.54 10.50 0.34
C CYS A 194 6.20 11.79 1.09
N LYS A 195 7.20 12.39 1.76
CA LYS A 195 7.04 13.65 2.50
C LYS A 195 7.42 14.84 1.62
N HIS A 196 6.52 15.83 1.52
CA HIS A 196 6.70 17.04 0.72
C HIS A 196 5.97 18.17 1.43
N ASN A 197 6.68 19.30 1.67
CA ASN A 197 6.17 20.50 2.38
C ASN A 197 5.65 20.09 3.77
N GLU A 198 6.40 19.23 4.47
CA GLU A 198 6.10 18.66 5.81
C GLU A 198 4.77 17.84 5.88
N VAL A 199 4.26 17.38 4.72
CA VAL A 199 3.02 16.58 4.62
C VAL A 199 3.31 15.28 3.85
N TRP A 200 2.87 14.15 4.40
CA TRP A 200 3.03 12.84 3.78
C TRP A 200 1.92 12.62 2.76
N HIS A 201 2.29 12.10 1.59
CA HIS A 201 1.33 11.83 0.52
C HIS A 201 1.43 10.39 0.11
N LEU A 202 0.27 9.77 -0.18
CA LEU A 202 0.22 8.38 -0.64
C LEU A 202 0.56 8.38 -2.12
N VAL A 203 1.85 8.24 -2.43
CA VAL A 203 2.34 8.30 -3.81
C VAL A 203 2.15 6.96 -4.55
N GLY A 204 2.33 5.85 -3.85
CA GLY A 204 2.21 4.55 -4.48
C GLY A 204 1.55 3.50 -3.62
N ILE A 205 1.11 2.40 -4.28
CA ILE A 205 0.58 1.20 -3.63
C ILE A 205 1.50 0.08 -4.08
N THR A 206 2.17 -0.62 -3.13
CA THR A 206 3.08 -1.75 -3.43
C THR A 206 2.34 -2.76 -4.30
N SER A 207 2.88 -3.06 -5.49
CA SER A 207 2.19 -3.90 -6.45
C SER A 207 2.98 -5.13 -6.86
N TRP A 208 4.09 -4.93 -7.57
CA TRP A 208 4.88 -6.08 -8.06
C TRP A 208 6.37 -5.71 -8.33
N GLY A 209 7.17 -6.73 -8.61
CA GLY A 209 8.59 -6.59 -8.92
C GLY A 209 9.12 -7.94 -9.36
N GLU A 210 10.29 -7.98 -10.01
CA GLU A 210 10.91 -9.27 -10.35
C GLU A 210 11.90 -9.54 -9.21
N GLY A 211 11.55 -10.49 -8.35
CA GLY A 211 12.30 -10.81 -7.13
C GLY A 211 12.13 -9.67 -6.13
N CYS A 212 13.01 -9.58 -5.11
CA CYS A 212 12.92 -8.48 -4.13
C CYS A 212 14.29 -7.83 -3.99
N ALA A 213 14.37 -6.50 -4.08
CA ALA A 213 15.58 -5.69 -3.93
C ALA A 213 16.73 -6.13 -4.83
N GLN A 214 16.41 -6.67 -6.03
CA GLN A 214 17.49 -7.09 -6.93
C GLN A 214 18.07 -5.84 -7.60
N ARG A 215 19.34 -5.91 -7.94
CA ARG A 215 20.03 -4.87 -8.71
C ARG A 215 19.24 -4.64 -10.00
N GLU A 216 19.01 -3.38 -10.35
CA GLU A 216 18.32 -2.97 -11.59
C GLU A 216 16.91 -3.56 -11.77
N ARG A 217 16.20 -3.83 -10.67
CA ARG A 217 14.81 -4.30 -10.69
C ARG A 217 14.03 -3.46 -9.67
N PRO A 218 13.65 -2.21 -10.01
CA PRO A 218 12.90 -1.41 -9.02
C PRO A 218 11.53 -2.00 -8.72
N GLY A 219 11.01 -1.73 -7.53
CA GLY A 219 9.66 -2.15 -7.16
C GLY A 219 8.70 -1.34 -8.02
N VAL A 220 7.60 -1.96 -8.46
CA VAL A 220 6.58 -1.29 -9.28
C VAL A 220 5.38 -1.08 -8.39
N TYR A 221 4.89 0.16 -8.37
CA TYR A 221 3.80 0.62 -7.55
C TYR A 221 2.68 1.22 -8.38
N THR A 222 1.44 1.12 -7.87
CA THR A 222 0.31 1.80 -8.50
C THR A 222 0.57 3.31 -8.28
N ASN A 223 0.53 4.13 -9.34
CA ASN A 223 0.80 5.58 -9.24
C ASN A 223 -0.51 6.23 -8.83
N VAL A 224 -0.70 6.45 -7.52
CA VAL A 224 -1.94 6.93 -6.90
C VAL A 224 -2.49 8.24 -7.51
N VAL A 225 -1.60 9.21 -7.86
CA VAL A 225 -2.03 10.49 -8.47
C VAL A 225 -2.92 10.25 -9.71
N GLU A 226 -2.64 9.18 -10.50
CA GLU A 226 -3.43 8.84 -11.70
C GLU A 226 -4.82 8.24 -11.41
N TYR A 227 -5.12 7.97 -10.14
CA TYR A 227 -6.38 7.35 -9.70
C TYR A 227 -7.17 8.20 -8.72
N VAL A 228 -6.78 9.46 -8.49
CA VAL A 228 -7.50 10.33 -7.56
C VAL A 228 -9.00 10.49 -7.98
N ASP A 229 -9.29 10.67 -9.27
CA ASP A 229 -10.69 10.80 -9.68
C ASP A 229 -11.46 9.50 -9.47
N TRP A 230 -10.80 8.36 -9.70
CA TRP A 230 -11.45 7.06 -9.50
C TRP A 230 -11.76 6.87 -8.03
N ILE A 231 -10.80 7.23 -7.13
CA ILE A 231 -11.00 7.12 -5.66
C ILE A 231 -12.19 7.99 -5.24
N LEU A 232 -12.22 9.26 -5.69
CA LEU A 232 -13.30 10.20 -5.36
C LEU A 232 -14.63 9.70 -5.92
N GLU A 233 -14.63 9.11 -7.14
CA GLU A 233 -15.87 8.52 -7.72
C GLU A 233 -16.49 7.49 -6.76
N LYS A 234 -15.63 6.63 -6.21
CA LYS A 234 -16.06 5.54 -5.35
C LYS A 234 -16.40 5.96 -3.91
N THR A 235 -15.59 6.86 -3.31
CA THR A 235 -15.78 7.30 -1.92
C THR A 235 -16.78 8.45 -1.76
N GLN A 236 -16.99 9.28 -2.82
CA GLN A 236 -17.89 10.44 -2.79
C GLN A 236 -19.19 10.19 -3.59
N ALA A 237 -19.55 8.92 -3.86
CA ALA A 237 -20.76 8.56 -4.61
C ALA A 237 -22.00 9.13 -3.92
N VAL A 238 -22.93 9.68 -4.72
CA VAL A 238 -24.17 10.29 -4.20
C VAL A 238 -25.32 9.29 -4.21
N CYS B 11 -4.83 18.03 3.94
CA CYS B 11 -4.81 17.60 2.54
C CYS B 11 -5.68 18.51 1.67
N THR B 12 -5.24 18.74 0.42
CA THR B 12 -6.00 19.51 -0.58
C THR B 12 -7.13 18.59 -1.10
N THR B 13 -6.79 17.30 -1.39
CA THR B 13 -7.77 16.29 -1.81
C THR B 13 -8.55 15.86 -0.55
N LYS B 14 -9.88 15.98 -0.61
CA LYS B 14 -10.75 15.68 0.53
C LYS B 14 -11.68 14.49 0.29
N ILE B 15 -11.72 13.57 1.27
CA ILE B 15 -12.58 12.38 1.29
C ILE B 15 -13.63 12.63 2.39
N LYS B 16 -14.91 12.76 1.99
CA LYS B 16 -16.06 13.08 2.86
C LYS B 16 -16.32 12.08 3.98
N PRO B 17 -16.53 12.58 5.24
CA PRO B 17 -16.83 11.67 6.35
C PRO B 17 -18.28 11.22 6.32
N14 3Y5 C . 2.15 -11.74 -0.56
C13 3Y5 C . 2.57 -12.98 -0.12
C18 3Y5 C . 0.82 -13.44 3.17
C17 3Y5 C . 3.19 -14.25 1.92
C16 3Y5 C . 2.33 -13.36 1.28
C19 3Y5 C . 1.16 -12.94 1.93
C20 3Y5 C . 3.96 -8.97 -2.52
C23 3Y5 C . 5.20 -8.05 -4.48
C24 3Y5 C . 6.36 -7.11 -4.77
C12 3Y5 C . 3.15 -13.66 -1.14
C27 3Y5 C . 8.47 -5.34 -5.24
C1 3Y5 C . -0.43 -12.98 -3.55
C2 3Y5 C . -0.09 -11.65 -3.32
C3 3Y5 C . -0.91 -10.90 -2.47
C4 3Y5 C . -1.99 -11.49 -1.83
C5 3Y5 C . -2.30 -12.81 -2.05
C6 3Y5 C . -1.52 -13.56 -2.93
C7 3Y5 C . 1.20 -11.07 -3.85
C8 3Y5 C . 2.14 -10.56 -2.75
N9 3Y5 C . 3.32 -9.90 -3.30
C10 3Y5 C . 2.49 -11.71 -1.84
N11 3Y5 C . 3.10 -12.84 -2.24
CL 3Y5 C . 3.85 -15.21 -1.20
N21 3Y5 C . 5.04 -8.35 -3.05
O22 3Y5 C . 3.61 -8.76 -1.35
C25 3Y5 C . 7.65 -7.60 -4.97
C26 3Y5 C . 8.70 -6.71 -5.21
C28 3Y5 C . 7.18 -4.87 -5.05
C29 3Y5 C . 6.14 -5.74 -4.82
CL2 3Y5 C . 6.86 -3.16 -5.17
N31 3Y5 C . 7.95 -8.99 -4.92
C32 3Y5 C . 8.39 -9.87 -5.84
N33 3Y5 C . 8.45 -11.07 -5.32
N34 3Y5 C . 8.05 -10.93 -4.04
N35 3Y5 C . 7.75 -9.70 -3.78
C36 3Y5 C . 1.63 -14.39 3.79
C37 3Y5 C . 2.81 -14.80 3.15
N38 3Y5 C . 3.37 -15.76 3.91
N39 3Y5 C . 2.63 -16.02 5.03
C40 3Y5 C . 1.56 -15.21 5.01
N41 3Y5 C . 0.66 -15.20 6.00
H53 3Y5 C . -0.10 -13.11 3.65
H52 3Y5 C . 4.16 -14.51 1.49
H54 3Y5 C . 0.51 -12.21 1.46
H56 3Y5 C . 5.34 -8.98 -5.03
H57 3Y5 C . 4.28 -7.65 -4.89
H59 3Y5 C . 9.29 -4.63 -5.40
H42 3Y5 C . 0.16 -13.57 -4.24
H43 3Y5 C . -0.72 -9.85 -2.31
H44 3Y5 C . -2.60 -10.91 -1.15
H45 3Y5 C . -3.14 -13.28 -1.55
H46 3Y5 C . -1.75 -14.60 -3.12
H48 3Y5 C . 1.72 -11.84 -4.43
H47 3Y5 C . 1.02 -10.28 -4.58
H49 3Y5 C . 1.56 -9.87 -2.13
H50 3Y5 C . 3.58 -10.17 -4.23
H51 3Y5 C . 3.46 -13.09 -3.16
H55 3Y5 C . 5.80 -8.03 -2.47
H58 3Y5 C . 9.72 -7.06 -5.34
H60 3Y5 C . 5.13 -5.34 -4.67
H61 3Y5 C . 8.69 -9.61 -6.86
H62 3Y5 C . 4.22 -16.30 3.76
H63 3Y5 C . 0.75 -15.82 6.79
H64 3Y5 C . -0.11 -14.54 5.97
S SO4 D . 21.90 1.58 -18.78
O1 SO4 D . 22.30 1.62 -20.17
O2 SO4 D . 21.04 0.42 -18.57
O3 SO4 D . 21.18 2.79 -18.42
O4 SO4 D . 23.08 1.47 -17.93
C1 EDO E . 5.15 -11.96 -6.01
O1 EDO E . 4.05 -11.11 -5.74
C2 EDO E . 4.72 -13.42 -5.92
O2 EDO E . 4.20 -13.66 -4.63
C1 EDO F . -12.66 11.31 13.11
O1 EDO F . -12.14 10.53 14.17
C2 EDO F . -12.91 10.39 11.90
O2 EDO F . -13.83 9.35 12.21
C1 EDO G . 5.77 1.14 21.88
O1 EDO G . 6.52 2.33 22.09
C2 EDO G . 6.67 -0.04 21.41
O2 EDO G . 5.88 -1.22 21.37
C1 EDO H . 3.35 1.47 13.50
O1 EDO H . 2.88 1.67 14.83
C2 EDO H . 2.37 2.16 12.54
O2 EDO H . 2.38 3.55 12.84
C1 EDO I . 9.15 -13.25 -8.92
O1 EDO I . 9.16 -11.85 -8.67
C2 EDO I . 9.50 -14.00 -7.62
O2 EDO I . 8.47 -13.81 -6.68
C1 EDO J . 5.71 -10.64 -10.65
O1 EDO J . 6.41 -11.33 -9.63
C2 EDO J . 6.75 -10.31 -11.72
O2 EDO J . 7.33 -11.53 -12.10
C1 EDO K . 1.49 4.72 -21.14
O1 EDO K . 2.30 5.82 -20.76
C2 EDO K . 0.00 5.09 -20.99
O2 EDO K . -0.26 5.51 -19.64
C1 EDO L . -2.57 1.94 -17.63
O1 EDO L . -2.79 1.24 -18.84
C2 EDO L . -2.48 0.95 -16.44
O2 EDO L . -1.28 0.21 -16.54
C1 EDO M . -0.94 13.07 6.52
O1 EDO M . -0.71 12.71 5.16
C2 EDO M . 0.40 13.27 7.32
O2 EDO M . 1.16 14.38 6.80
C1 EDO N . 0.79 -10.55 -11.36
O1 EDO N . 0.68 -9.80 -12.57
C2 EDO N . -0.57 -11.21 -10.96
O2 EDO N . -1.46 -10.28 -10.32
C1 EDO O . 11.08 8.51 8.60
O1 EDO O . 9.93 8.34 9.40
C2 EDO O . 12.35 8.36 9.49
O2 EDO O . 12.41 7.05 10.05
#